data_2ZRD
#
_entry.id   2ZRD
#
_cell.length_a   102.169
_cell.length_b   102.169
_cell.length_c   76.020
_cell.angle_alpha   90.00
_cell.angle_beta   90.00
_cell.angle_gamma   120.00
#
_symmetry.space_group_name_H-M   'P 61'
#
loop_
_entity.id
_entity.type
_entity.pdbx_description
1 polymer 'Protein recA'
2 non-polymer "ADENOSINE-5'-DIPHOSPHATE"
3 water water
#
_entity_poly.entity_id   1
_entity_poly.type   'polypeptide(L)'
_entity_poly.pdbx_seq_one_letter_code
;MAQQAPDREKALELAMAQIDKNFGKGSVMRLGEEVRQPISVIPTGSISLDVALGIGGLPRGRVIEIYGPESSGKTTVALH
AVANAQAAGGIAAFIDAEHALDPEYAKKLGVDTDSLLVSQPDTGEQALEIADMLVRSGALDIIVIDSVAALVPRAEIEGE
MGDSHVGLQARLMSQALRKMTGALNNSGTTAIFINNLREKIGVMFGSPETTTGGKALKFYASVRLDVRRIETLKDGTDAV
GNRTRVKVVKNKVSPPFKQAEFDILYGQGISREGSLIDMGVEHGFIRKSGSWFTYEGEQLGQGKENARKFLLENTDVANE
IEKKIKEKLGIGAVVTAEADDVLPAPVDF
;
_entity_poly.pdbx_strand_id   A
#
loop_
_chem_comp.id
_chem_comp.type
_chem_comp.name
_chem_comp.formula
ADP non-polymer ADENOSINE-5'-DIPHOSPHATE 'C10 H15 N5 O10 P2'
#
# COMPACT_ATOMS: atom_id res chain seq x y z
N ALA A 5 6.33 -16.56 43.55
CA ALA A 5 7.50 -15.78 43.03
C ALA A 5 7.26 -15.24 41.60
N PRO A 6 6.50 -15.98 40.78
CA PRO A 6 6.25 -15.50 39.41
C PRO A 6 4.98 -14.65 39.23
N ASP A 7 5.08 -13.68 38.33
CA ASP A 7 3.98 -12.81 37.97
C ASP A 7 4.01 -12.71 36.46
N ARG A 8 3.22 -13.56 35.81
CA ARG A 8 3.15 -13.61 34.35
C ARG A 8 3.13 -12.40 33.42
N GLU A 9 2.49 -11.33 33.87
CA GLU A 9 2.39 -10.14 33.04
C GLU A 9 3.74 -9.42 33.24
N LYS A 10 4.23 -9.35 34.47
CA LYS A 10 5.50 -8.68 34.73
C LYS A 10 6.61 -9.35 33.94
N ALA A 11 6.73 -10.67 34.10
CA ALA A 11 7.77 -11.44 33.40
C ALA A 11 7.58 -11.41 31.89
N LEU A 12 6.35 -11.16 31.47
CA LEU A 12 6.02 -11.12 30.06
C LEU A 12 6.37 -9.77 29.40
N GLU A 13 6.12 -8.68 30.13
CA GLU A 13 6.42 -7.34 29.63
C GLU A 13 7.94 -7.24 29.50
N LEU A 14 8.61 -7.84 30.47
CA LEU A 14 10.06 -7.83 30.50
C LEU A 14 10.60 -8.62 29.32
N ALA A 15 10.00 -9.78 29.07
CA ALA A 15 10.42 -10.62 27.96
C ALA A 15 10.29 -9.82 26.67
N MET A 16 9.07 -9.39 26.40
CA MET A 16 8.80 -8.61 25.20
C MET A 16 9.78 -7.44 25.03
N ALA A 17 10.03 -6.71 26.11
CA ALA A 17 10.96 -5.58 26.05
C ALA A 17 12.31 -6.01 25.53
N GLN A 18 12.86 -7.07 26.12
CA GLN A 18 14.16 -7.56 25.69
C GLN A 18 14.07 -7.99 24.24
N ILE A 19 13.00 -8.70 23.90
CA ILE A 19 12.79 -9.16 22.53
C ILE A 19 12.89 -8.00 21.53
N ASP A 20 12.12 -6.93 21.76
CA ASP A 20 12.17 -5.77 20.87
C ASP A 20 13.49 -5.02 20.85
N LYS A 21 14.23 -5.05 21.96
CA LYS A 21 15.50 -4.35 22.05
C LYS A 21 16.55 -5.14 21.28
N ASN A 22 16.32 -6.45 21.11
CA ASN A 22 17.25 -7.32 20.40
C ASN A 22 17.01 -7.40 18.90
N PHE A 23 15.78 -7.18 18.48
CA PHE A 23 15.45 -7.30 17.07
C PHE A 23 14.74 -6.10 16.44
N GLY A 24 14.26 -5.18 17.28
CA GLY A 24 13.59 -4.00 16.79
C GLY A 24 12.16 -3.86 17.28
N LYS A 25 11.71 -2.62 17.48
CA LYS A 25 10.35 -2.34 17.94
C LYS A 25 9.37 -2.95 16.98
N GLY A 26 8.46 -3.78 17.51
CA GLY A 26 7.46 -4.44 16.68
C GLY A 26 7.78 -5.90 16.38
N SER A 27 8.86 -6.41 16.96
CA SER A 27 9.25 -7.79 16.73
C SER A 27 8.23 -8.74 17.35
N VAL A 28 7.43 -8.20 18.26
CA VAL A 28 6.40 -8.97 18.93
C VAL A 28 5.37 -8.00 19.50
N MET A 29 4.08 -8.33 19.36
CA MET A 29 3.05 -7.43 19.87
C MET A 29 1.62 -7.97 19.95
N ARG A 30 0.90 -7.56 20.99
CA ARG A 30 -0.48 -8.00 21.17
C ARG A 30 -1.29 -7.43 20.02
N LEU A 31 -2.17 -8.21 19.42
CA LEU A 31 -2.97 -7.73 18.29
C LEU A 31 -3.91 -6.60 18.68
N GLY A 32 -4.53 -6.73 19.86
CA GLY A 32 -5.46 -5.71 20.28
C GLY A 32 -4.76 -4.42 20.69
N GLU A 33 -3.43 -4.43 20.66
CA GLU A 33 -2.64 -3.27 21.04
C GLU A 33 -2.99 -2.07 20.17
N GLU A 34 -2.79 -0.88 20.70
CA GLU A 34 -3.05 0.33 19.95
C GLU A 34 -1.77 1.16 19.95
N VAL A 35 -1.04 1.07 18.83
CA VAL A 35 0.23 1.75 18.63
C VAL A 35 0.16 3.29 18.72
N ARG A 36 1.17 3.87 19.35
CA ARG A 36 1.22 5.32 19.52
C ARG A 36 2.53 5.94 19.00
N GLN A 37 3.14 5.32 17.99
CA GLN A 37 4.38 5.85 17.41
C GLN A 37 3.79 6.28 16.06
N PRO A 38 3.62 7.58 15.83
CA PRO A 38 3.09 8.12 14.58
C PRO A 38 3.98 8.18 13.33
N ILE A 39 5.23 7.79 13.45
CA ILE A 39 6.12 7.39 12.36
C ILE A 39 6.28 8.52 11.37
N SER A 40 6.32 8.20 10.08
CA SER A 40 6.45 9.25 9.09
C SER A 40 5.65 8.19 8.36
N VAL A 41 4.84 8.61 7.39
CA VAL A 41 4.06 7.63 6.65
C VAL A 41 3.67 8.29 5.32
N ILE A 42 3.23 7.48 4.36
CA ILE A 42 2.79 7.97 3.06
C ILE A 42 1.36 7.47 2.87
N PRO A 43 0.36 8.36 3.03
CA PRO A 43 -1.04 7.95 2.88
C PRO A 43 -1.26 7.11 1.66
N THR A 44 -1.90 5.96 1.87
CA THR A 44 -2.18 4.99 0.82
C THR A 44 -3.19 5.44 -0.24
N GLY A 45 -3.95 6.49 0.06
CA GLY A 45 -4.94 6.96 -0.89
C GLY A 45 -6.26 6.27 -0.57
N SER A 46 -6.23 5.48 0.51
CA SER A 46 -7.42 4.76 0.97
C SER A 46 -7.50 4.90 2.49
N ILE A 47 -8.43 5.74 2.92
CA ILE A 47 -8.60 5.99 4.34
C ILE A 47 -8.64 4.68 5.13
N SER A 48 -9.42 3.70 4.65
CA SER A 48 -9.53 2.41 5.34
C SER A 48 -8.21 1.65 5.38
N LEU A 49 -7.51 1.57 4.25
CA LEU A 49 -6.25 0.88 4.21
C LEU A 49 -5.27 1.63 5.13
N ASP A 50 -5.36 2.96 5.14
CA ASP A 50 -4.48 3.77 6.00
C ASP A 50 -4.68 3.40 7.46
N VAL A 51 -5.93 3.20 7.85
CA VAL A 51 -6.30 2.84 9.22
C VAL A 51 -5.94 1.38 9.47
N ALA A 52 -6.13 0.56 8.45
CA ALA A 52 -5.82 -0.87 8.54
C ALA A 52 -4.35 -1.06 8.91
N LEU A 53 -3.51 -0.18 8.37
CA LEU A 53 -2.09 -0.22 8.65
C LEU A 53 -1.83 0.24 10.07
N GLY A 54 -2.83 0.88 10.67
CA GLY A 54 -2.71 1.36 12.03
C GLY A 54 -1.80 2.58 12.24
N ILE A 55 -1.14 3.04 11.18
CA ILE A 55 -0.25 4.20 11.29
C ILE A 55 -0.56 5.31 10.31
N GLY A 56 -1.68 5.22 9.62
CA GLY A 56 -2.05 6.27 8.70
C GLY A 56 -1.53 6.07 7.28
N GLY A 57 -0.85 4.96 7.05
CA GLY A 57 -0.33 4.70 5.72
C GLY A 57 0.95 3.88 5.70
N LEU A 58 1.63 3.93 4.57
CA LEU A 58 2.87 3.20 4.41
C LEU A 58 3.98 3.85 5.21
N PRO A 59 4.68 3.08 6.03
CA PRO A 59 5.77 3.60 6.85
C PRO A 59 6.89 4.06 5.93
N ARG A 60 7.69 5.02 6.38
CA ARG A 60 8.79 5.50 5.55
C ARG A 60 10.12 4.83 5.84
N GLY A 61 10.87 4.58 4.77
CA GLY A 61 12.19 3.96 4.88
C GLY A 61 12.09 2.46 4.99
N ARG A 62 10.99 1.92 4.50
CA ARG A 62 10.73 0.48 4.56
C ARG A 62 10.43 -0.15 3.23
N VAL A 63 10.57 -1.47 3.21
CA VAL A 63 10.30 -2.27 2.03
C VAL A 63 8.84 -2.68 2.12
N ILE A 64 8.06 -2.26 1.14
CA ILE A 64 6.66 -2.61 1.12
C ILE A 64 6.44 -3.53 -0.06
N GLU A 65 5.64 -4.59 0.13
CA GLU A 65 5.36 -5.50 -0.97
C GLU A 65 3.87 -5.54 -1.20
N ILE A 66 3.43 -5.10 -2.36
CA ILE A 66 2.02 -5.15 -2.66
C ILE A 66 1.79 -6.24 -3.67
N TYR A 67 1.18 -7.35 -3.25
CA TYR A 67 0.94 -8.43 -4.19
C TYR A 67 -0.53 -8.63 -4.54
N GLY A 68 -0.80 -9.61 -5.38
CA GLY A 68 -2.18 -9.86 -5.77
C GLY A 68 -2.22 -10.11 -7.25
N PRO A 69 -3.37 -10.56 -7.77
CA PRO A 69 -3.55 -10.86 -9.20
C PRO A 69 -3.69 -9.59 -10.05
N GLU A 70 -3.54 -9.76 -11.36
CA GLU A 70 -3.64 -8.64 -12.29
C GLU A 70 -4.99 -7.94 -12.13
N SER A 71 -4.99 -6.62 -12.22
CA SER A 71 -6.21 -5.83 -12.13
C SER A 71 -6.89 -5.80 -10.76
N SER A 72 -6.14 -6.05 -9.70
CA SER A 72 -6.75 -6.05 -8.38
C SER A 72 -6.67 -4.70 -7.65
N GLY A 73 -6.03 -3.72 -8.28
CA GLY A 73 -5.93 -2.41 -7.67
C GLY A 73 -4.56 -2.09 -7.08
N LYS A 74 -3.59 -2.98 -7.27
CA LYS A 74 -2.27 -2.76 -6.73
C LYS A 74 -1.61 -1.48 -7.25
N THR A 75 -1.26 -1.48 -8.53
CA THR A 75 -0.62 -0.32 -9.14
C THR A 75 -1.24 0.99 -8.68
N THR A 76 -2.58 1.06 -8.75
CA THR A 76 -3.33 2.26 -8.35
C THR A 76 -2.93 2.76 -6.98
N VAL A 77 -2.89 1.86 -6.01
CA VAL A 77 -2.46 2.27 -4.69
C VAL A 77 -1.05 2.82 -4.86
N ALA A 78 -0.16 1.98 -5.36
CA ALA A 78 1.22 2.38 -5.58
C ALA A 78 1.28 3.79 -6.13
N LEU A 79 0.43 4.09 -7.11
CA LEU A 79 0.41 5.44 -7.70
C LEU A 79 -0.11 6.48 -6.72
N HIS A 80 -1.23 6.20 -6.07
CA HIS A 80 -1.75 7.14 -5.07
C HIS A 80 -0.67 7.43 -4.07
N ALA A 81 0.06 6.40 -3.65
CA ALA A 81 1.12 6.61 -2.69
C ALA A 81 2.16 7.58 -3.26
N VAL A 82 2.46 7.48 -4.55
CA VAL A 82 3.42 8.38 -5.16
C VAL A 82 2.88 9.83 -5.21
N ALA A 83 1.59 9.98 -5.47
CA ALA A 83 0.96 11.29 -5.54
C ALA A 83 1.00 12.00 -4.18
N ASN A 84 0.63 11.29 -3.12
CA ASN A 84 0.62 11.88 -1.79
C ASN A 84 2.03 12.24 -1.34
N ALA A 85 3.00 11.43 -1.73
CA ALA A 85 4.37 11.69 -1.34
C ALA A 85 4.87 12.98 -2.01
N GLN A 86 4.43 13.20 -3.26
CA GLN A 86 4.83 14.37 -4.01
C GLN A 86 4.17 15.69 -3.60
N ALA A 87 2.96 15.60 -3.05
CA ALA A 87 2.25 16.80 -2.61
C ALA A 87 3.01 17.27 -1.38
N ALA A 88 3.65 16.33 -0.69
CA ALA A 88 4.43 16.66 0.49
C ALA A 88 5.82 17.08 -0.01
N GLY A 89 5.90 17.43 -1.28
CA GLY A 89 7.16 17.86 -1.86
C GLY A 89 8.25 16.82 -1.86
N GLY A 90 7.90 15.57 -2.08
CA GLY A 90 8.90 14.52 -2.11
C GLY A 90 9.19 14.10 -3.53
N ILE A 91 10.36 13.52 -3.76
CA ILE A 91 10.74 13.07 -5.09
C ILE A 91 10.43 11.58 -5.29
N ALA A 92 9.93 11.19 -6.46
CA ALA A 92 9.58 9.79 -6.72
C ALA A 92 10.23 9.15 -7.94
N ALA A 93 10.62 7.89 -7.80
CA ALA A 93 11.24 7.16 -8.90
C ALA A 93 10.39 5.94 -9.22
N PHE A 94 10.33 5.56 -10.50
CA PHE A 94 9.56 4.39 -10.90
C PHE A 94 10.38 3.42 -11.73
N ILE A 95 10.92 2.38 -11.11
CA ILE A 95 11.69 1.39 -11.81
C ILE A 95 10.72 0.52 -12.58
N ASP A 96 10.42 0.90 -13.82
CA ASP A 96 9.50 0.16 -14.69
C ASP A 96 10.19 -0.98 -15.44
N ALA A 97 9.62 -2.17 -15.31
CA ALA A 97 10.19 -3.32 -15.99
C ALA A 97 9.09 -4.06 -16.72
N GLU A 98 7.89 -3.50 -16.69
CA GLU A 98 6.76 -4.13 -17.37
C GLU A 98 6.34 -3.31 -18.56
N HIS A 99 6.62 -2.02 -18.53
CA HIS A 99 6.22 -1.11 -19.60
C HIS A 99 4.69 -1.05 -19.67
N ALA A 100 4.02 -1.00 -18.53
CA ALA A 100 2.57 -0.93 -18.57
C ALA A 100 2.02 0.43 -18.17
N LEU A 101 2.71 1.07 -17.22
CA LEU A 101 2.32 2.36 -16.68
C LEU A 101 1.62 3.32 -17.64
N ASP A 102 0.42 3.74 -17.29
CA ASP A 102 -0.29 4.70 -18.11
C ASP A 102 -0.20 6.03 -17.39
N PRO A 103 0.81 6.85 -17.73
CA PRO A 103 0.99 8.16 -17.08
C PRO A 103 -0.26 9.03 -17.13
N GLU A 104 -1.05 8.91 -18.20
CA GLU A 104 -2.26 9.71 -18.27
C GLU A 104 -3.16 9.38 -17.10
N TYR A 105 -3.36 8.10 -16.84
CA TYR A 105 -4.17 7.67 -15.71
C TYR A 105 -3.52 8.16 -14.42
N ALA A 106 -2.20 8.14 -14.38
CA ALA A 106 -1.45 8.59 -13.22
C ALA A 106 -1.77 10.04 -12.84
N LYS A 107 -1.64 10.96 -13.77
CA LYS A 107 -1.92 12.36 -13.48
C LYS A 107 -3.28 12.49 -12.85
N LYS A 108 -4.21 11.65 -13.30
CA LYS A 108 -5.58 11.66 -12.81
C LYS A 108 -5.69 11.34 -11.32
N LEU A 109 -4.71 10.58 -10.81
CA LEU A 109 -4.69 10.21 -9.41
C LEU A 109 -3.84 11.20 -8.65
N GLY A 110 -3.54 12.33 -9.30
CA GLY A 110 -2.76 13.37 -8.65
C GLY A 110 -1.27 13.23 -8.69
N VAL A 111 -0.74 12.50 -9.66
CA VAL A 111 0.70 12.32 -9.78
C VAL A 111 1.25 13.37 -10.74
N ASP A 112 2.37 13.98 -10.35
CA ASP A 112 3.02 14.98 -11.17
C ASP A 112 4.00 14.15 -11.99
N THR A 113 3.57 13.78 -13.20
CA THR A 113 4.37 12.95 -14.08
C THR A 113 5.65 13.58 -14.61
N ASP A 114 5.59 14.86 -14.96
CA ASP A 114 6.78 15.51 -15.49
C ASP A 114 7.97 15.50 -14.55
N SER A 115 7.72 15.27 -13.26
CA SER A 115 8.79 15.24 -12.27
C SER A 115 9.06 13.85 -11.71
N LEU A 116 8.47 12.84 -12.34
CA LEU A 116 8.64 11.46 -11.90
C LEU A 116 9.79 10.78 -12.61
N LEU A 117 10.80 10.34 -11.87
CA LEU A 117 11.89 9.64 -12.51
C LEU A 117 11.40 8.25 -12.93
N VAL A 118 11.83 7.81 -14.10
CA VAL A 118 11.45 6.52 -14.63
C VAL A 118 12.68 5.85 -15.20
N SER A 119 12.74 4.54 -15.07
CA SER A 119 13.89 3.83 -15.57
C SER A 119 13.37 2.54 -16.15
N GLN A 120 13.95 2.10 -17.27
CA GLN A 120 13.52 0.86 -17.88
C GLN A 120 14.73 -0.04 -18.12
N PRO A 121 15.19 -0.70 -17.04
CA PRO A 121 16.34 -1.60 -16.94
C PRO A 121 16.39 -2.69 -18.00
N ASP A 122 17.60 -3.15 -18.29
CA ASP A 122 17.81 -4.20 -19.29
C ASP A 122 17.79 -5.56 -18.62
N THR A 123 18.24 -5.62 -17.37
CA THR A 123 18.25 -6.88 -16.66
C THR A 123 17.77 -6.70 -15.23
N GLY A 124 17.54 -7.81 -14.54
CA GLY A 124 17.07 -7.74 -13.17
C GLY A 124 18.09 -7.07 -12.28
N GLU A 125 19.37 -7.44 -12.45
CA GLU A 125 20.46 -6.87 -11.69
C GLU A 125 20.37 -5.36 -11.82
N GLN A 126 20.42 -4.91 -13.06
CA GLN A 126 20.39 -3.51 -13.38
C GLN A 126 19.25 -2.80 -12.66
N ALA A 127 18.03 -3.25 -12.89
CA ALA A 127 16.85 -2.66 -12.27
C ALA A 127 17.07 -2.39 -10.79
N LEU A 128 17.30 -3.43 -10.01
CA LEU A 128 17.51 -3.25 -8.58
C LEU A 128 18.68 -2.32 -8.29
N GLU A 129 19.79 -2.56 -8.98
CA GLU A 129 21.01 -1.78 -8.79
C GLU A 129 20.81 -0.29 -9.09
N ILE A 130 19.91 0.03 -10.01
CA ILE A 130 19.64 1.41 -10.35
C ILE A 130 18.78 2.02 -9.28
N ALA A 131 17.92 1.19 -8.71
CA ALA A 131 17.04 1.61 -7.64
C ALA A 131 17.90 1.85 -6.41
N ASP A 132 18.88 0.97 -6.22
CA ASP A 132 19.76 1.13 -5.09
C ASP A 132 20.51 2.44 -5.22
N MET A 133 21.18 2.66 -6.36
CA MET A 133 21.93 3.89 -6.57
C MET A 133 21.10 5.14 -6.28
N LEU A 134 19.85 5.14 -6.72
CA LEU A 134 18.98 6.29 -6.47
C LEU A 134 18.73 6.40 -4.98
N VAL A 135 18.08 5.38 -4.42
CA VAL A 135 17.77 5.35 -2.99
C VAL A 135 18.82 5.97 -2.09
N ARG A 136 20.06 5.49 -2.21
CA ARG A 136 21.13 5.99 -1.36
C ARG A 136 21.73 7.33 -1.79
N SER A 137 20.86 8.25 -2.16
CA SER A 137 21.27 9.59 -2.52
C SER A 137 20.39 10.41 -1.57
N GLY A 138 19.54 9.68 -0.84
CA GLY A 138 18.64 10.27 0.15
C GLY A 138 17.70 11.34 -0.34
N ALA A 139 17.58 11.48 -1.66
CA ALA A 139 16.72 12.48 -2.23
C ALA A 139 15.28 12.01 -2.38
N LEU A 140 15.13 10.70 -2.63
CA LEU A 140 13.83 10.09 -2.84
C LEU A 140 12.97 9.73 -1.63
N ASP A 141 11.69 10.06 -1.71
CA ASP A 141 10.76 9.76 -0.64
C ASP A 141 10.21 8.36 -0.88
N ILE A 142 9.91 8.06 -2.14
CA ILE A 142 9.36 6.76 -2.50
C ILE A 142 9.83 6.23 -3.86
N ILE A 143 10.02 4.92 -3.93
CA ILE A 143 10.46 4.29 -5.18
C ILE A 143 9.61 3.04 -5.42
N VAL A 144 9.06 2.93 -6.61
CA VAL A 144 8.21 1.80 -6.94
C VAL A 144 8.82 0.93 -8.02
N ILE A 145 8.95 -0.36 -7.74
CA ILE A 145 9.49 -1.29 -8.72
C ILE A 145 8.29 -2.03 -9.28
N ASP A 146 8.00 -1.90 -10.57
CA ASP A 146 6.86 -2.61 -11.08
C ASP A 146 7.42 -3.98 -11.42
N SER A 147 6.63 -4.99 -11.05
CA SER A 147 6.89 -6.41 -11.22
C SER A 147 8.00 -7.34 -10.83
N VAL A 148 8.00 -7.71 -9.56
CA VAL A 148 8.98 -8.63 -9.02
C VAL A 148 9.40 -9.77 -9.93
N ALA A 149 8.46 -10.23 -10.74
CA ALA A 149 8.73 -11.32 -11.67
C ALA A 149 9.62 -10.76 -12.76
N ALA A 150 9.29 -9.57 -13.26
CA ALA A 150 10.08 -8.95 -14.32
C ALA A 150 11.57 -8.75 -14.06
N LEU A 151 12.00 -8.97 -12.83
CA LEU A 151 13.39 -8.79 -12.46
C LEU A 151 14.24 -10.00 -12.83
N VAL A 152 13.96 -10.58 -13.99
CA VAL A 152 14.69 -11.76 -14.46
C VAL A 152 16.19 -11.50 -14.48
N PRO A 153 16.99 -12.50 -14.08
CA PRO A 153 18.46 -12.34 -14.06
C PRO A 153 18.96 -12.07 -15.46
N ARG A 154 20.21 -11.58 -15.56
CA ARG A 154 20.79 -11.27 -16.86
C ARG A 154 21.09 -12.55 -17.62
N ALA A 155 21.65 -13.53 -16.92
CA ALA A 155 22.00 -14.81 -17.54
C ALA A 155 20.80 -15.41 -18.24
N GLU A 156 19.64 -15.37 -17.59
CA GLU A 156 18.43 -15.91 -18.18
C GLU A 156 18.06 -15.06 -19.39
N ILE A 157 18.12 -13.73 -19.23
CA ILE A 157 17.80 -12.85 -20.35
C ILE A 157 18.67 -13.20 -21.53
N GLU A 158 19.97 -12.93 -21.42
CA GLU A 158 20.89 -13.27 -22.51
C GLU A 158 20.70 -14.77 -22.71
N GLY A 159 20.84 -15.24 -23.94
CA GLY A 159 20.65 -16.66 -24.17
C GLY A 159 21.66 -17.40 -23.31
N GLU A 160 21.17 -18.15 -22.32
CA GLU A 160 22.04 -18.92 -21.45
C GLU A 160 21.18 -20.16 -21.30
N MET A 161 21.93 -21.27 -21.30
CA MET A 161 21.47 -22.65 -21.24
C MET A 161 20.77 -23.13 -19.99
N GLY A 162 20.22 -24.34 -20.11
CA GLY A 162 19.51 -25.00 -19.04
C GLY A 162 20.57 -25.73 -18.23
N ASP A 163 21.71 -25.07 -18.08
CA ASP A 163 22.86 -25.55 -17.33
C ASP A 163 23.07 -24.37 -16.37
N SER A 164 23.22 -24.69 -15.08
CA SER A 164 23.37 -23.69 -14.02
C SER A 164 22.01 -23.04 -13.79
N HIS A 165 20.97 -23.77 -14.18
CA HIS A 165 19.59 -23.29 -14.04
C HIS A 165 19.20 -23.31 -12.55
N VAL A 166 20.04 -22.69 -11.74
CA VAL A 166 19.83 -22.59 -10.29
C VAL A 166 18.62 -21.69 -10.04
N GLY A 167 18.34 -21.40 -8.77
CA GLY A 167 17.22 -20.52 -8.43
C GLY A 167 17.82 -19.14 -8.25
N LEU A 168 18.52 -18.69 -9.29
CA LEU A 168 19.23 -17.42 -9.30
C LEU A 168 18.40 -16.14 -9.25
N GLN A 169 17.19 -16.13 -9.78
CA GLN A 169 16.41 -14.91 -9.73
C GLN A 169 16.05 -14.55 -8.29
N ALA A 170 15.89 -15.55 -7.44
CA ALA A 170 15.54 -15.30 -6.03
C ALA A 170 16.75 -14.94 -5.20
N ARG A 171 17.92 -15.40 -5.64
CA ARG A 171 19.17 -15.09 -4.95
C ARG A 171 19.44 -13.64 -5.33
N LEU A 172 19.10 -13.29 -6.56
CA LEU A 172 19.27 -11.94 -7.08
C LEU A 172 18.54 -10.97 -6.15
N MET A 173 17.27 -11.28 -5.91
CA MET A 173 16.39 -10.48 -5.08
C MET A 173 16.81 -10.43 -3.61
N SER A 174 17.50 -11.47 -3.14
CA SER A 174 17.95 -11.51 -1.75
C SER A 174 19.15 -10.59 -1.56
N GLN A 175 20.18 -10.79 -2.37
CA GLN A 175 21.36 -9.95 -2.24
C GLN A 175 21.00 -8.48 -2.38
N ALA A 176 20.17 -8.16 -3.37
CA ALA A 176 19.76 -6.78 -3.60
C ALA A 176 19.02 -6.15 -2.42
N LEU A 177 18.11 -6.91 -1.82
CA LEU A 177 17.38 -6.38 -0.68
C LEU A 177 18.26 -6.38 0.57
N ARG A 178 19.23 -7.28 0.62
CA ARG A 178 20.10 -7.33 1.79
C ARG A 178 20.75 -5.98 2.00
N LYS A 179 21.22 -5.37 0.89
CA LYS A 179 21.89 -4.09 0.98
C LYS A 179 21.00 -2.86 0.78
N MET A 180 19.90 -2.99 0.07
CA MET A 180 19.04 -1.82 -0.14
C MET A 180 18.32 -1.38 1.11
N THR A 181 17.83 -2.33 1.90
CA THR A 181 17.12 -2.02 3.14
C THR A 181 17.96 -1.08 3.99
N GLY A 182 19.25 -1.37 4.08
CA GLY A 182 20.14 -0.52 4.85
C GLY A 182 19.93 0.91 4.42
N ALA A 183 20.22 1.19 3.15
CA ALA A 183 20.05 2.53 2.62
C ALA A 183 18.63 3.03 2.86
N LEU A 184 17.63 2.22 2.55
CA LEU A 184 16.23 2.61 2.74
C LEU A 184 15.94 3.16 4.14
N ASN A 185 16.56 2.60 5.17
CA ASN A 185 16.31 3.10 6.51
C ASN A 185 16.99 4.46 6.69
N ASN A 186 18.26 4.55 6.29
CA ASN A 186 18.97 5.81 6.43
C ASN A 186 18.32 6.90 5.59
N SER A 187 18.02 6.57 4.34
CA SER A 187 17.39 7.52 3.41
C SER A 187 15.97 7.88 3.85
N GLY A 188 15.21 6.87 4.24
CA GLY A 188 13.85 7.12 4.66
C GLY A 188 12.92 6.93 3.48
N THR A 189 13.46 6.42 2.38
CA THR A 189 12.66 6.18 1.19
C THR A 189 11.80 4.96 1.43
N THR A 190 10.57 4.98 0.95
CA THR A 190 9.72 3.82 1.09
C THR A 190 9.77 3.14 -0.26
N ALA A 191 10.10 1.86 -0.24
CA ALA A 191 10.21 1.10 -1.46
C ALA A 191 9.05 0.12 -1.62
N ILE A 192 8.17 0.38 -2.57
CA ILE A 192 7.05 -0.49 -2.83
C ILE A 192 7.36 -1.44 -3.98
N PHE A 193 7.39 -2.74 -3.70
CA PHE A 193 7.64 -3.71 -4.74
C PHE A 193 6.25 -4.18 -5.16
N ILE A 194 6.00 -4.20 -6.47
CA ILE A 194 4.70 -4.63 -6.95
C ILE A 194 4.83 -6.04 -7.45
N ASN A 195 4.35 -6.97 -6.65
CA ASN A 195 4.40 -8.38 -6.95
C ASN A 195 3.08 -8.88 -7.51
N ASN A 196 3.01 -9.00 -8.84
CA ASN A 196 1.79 -9.47 -9.48
C ASN A 196 1.83 -10.97 -9.28
N LEU A 197 1.21 -11.50 -8.23
CA LEU A 197 1.27 -12.95 -7.96
C LEU A 197 0.48 -14.03 -8.78
N ARG A 198 -0.32 -13.57 -9.75
CA ARG A 198 -1.15 -14.33 -10.74
C ARG A 198 -0.73 -15.46 -11.74
N GLU A 199 -1.75 -15.97 -12.40
CA GLU A 199 -1.58 -17.04 -13.38
C GLU A 199 -1.13 -18.34 -12.71
N PRO A 208 9.03 -21.95 -6.14
CA PRO A 208 7.95 -22.27 -5.18
C PRO A 208 7.47 -20.99 -4.47
N GLU A 209 8.23 -19.91 -4.66
CA GLU A 209 7.91 -18.62 -4.05
C GLU A 209 6.94 -17.79 -4.90
N THR A 210 6.35 -16.78 -4.26
CA THR A 210 5.42 -15.89 -4.94
C THR A 210 6.24 -15.18 -6.02
N THR A 211 6.24 -15.75 -7.22
CA THR A 211 6.97 -15.20 -8.36
C THR A 211 8.50 -15.36 -8.25
N THR A 212 8.94 -16.42 -7.58
CA THR A 212 10.37 -16.71 -7.43
C THR A 212 11.17 -15.77 -6.51
N GLY A 213 11.06 -14.46 -6.74
CA GLY A 213 11.82 -13.51 -5.94
C GLY A 213 11.14 -13.05 -4.67
N GLY A 214 9.82 -13.20 -4.61
CA GLY A 214 9.04 -12.78 -3.45
C GLY A 214 9.18 -13.66 -2.22
N LYS A 215 10.06 -14.66 -2.30
CA LYS A 215 10.30 -15.56 -1.18
C LYS A 215 11.20 -14.84 -0.18
N ALA A 216 12.19 -14.13 -0.71
CA ALA A 216 13.12 -13.38 0.11
C ALA A 216 12.54 -12.02 0.48
N LEU A 217 11.51 -11.62 -0.25
CA LEU A 217 10.83 -10.35 -0.01
C LEU A 217 9.83 -10.54 1.12
N LYS A 218 9.42 -11.80 1.33
CA LYS A 218 8.48 -12.13 2.38
C LYS A 218 9.11 -11.78 3.72
N PHE A 219 10.42 -11.95 3.82
CA PHE A 219 11.17 -11.67 5.05
C PHE A 219 11.72 -10.26 5.18
N TYR A 220 12.04 -9.62 4.06
CA TYR A 220 12.59 -8.28 4.09
C TYR A 220 11.57 -7.15 4.21
N ALA A 221 10.30 -7.47 3.94
CA ALA A 221 9.25 -6.45 4.01
C ALA A 221 8.95 -6.02 5.47
N SER A 222 8.33 -4.86 5.62
CA SER A 222 7.98 -4.41 6.97
C SER A 222 6.48 -4.42 6.91
N VAL A 223 5.96 -4.44 5.68
CA VAL A 223 4.53 -4.45 5.45
C VAL A 223 4.29 -5.20 4.13
N ARG A 224 3.29 -6.07 4.13
CA ARG A 224 2.94 -6.84 2.95
C ARG A 224 1.45 -6.75 2.76
N LEU A 225 1.01 -6.26 1.61
CA LEU A 225 -0.41 -6.13 1.36
C LEU A 225 -0.91 -7.16 0.36
N ASP A 226 -2.02 -7.81 0.70
CA ASP A 226 -2.64 -8.83 -0.12
C ASP A 226 -3.82 -8.18 -0.85
N VAL A 227 -3.54 -7.56 -1.99
CA VAL A 227 -4.58 -6.89 -2.76
C VAL A 227 -5.33 -7.91 -3.59
N ARG A 228 -6.66 -7.85 -3.52
CA ARG A 228 -7.52 -8.80 -4.22
C ARG A 228 -8.79 -8.13 -4.72
N ARG A 229 -9.37 -8.66 -5.80
CA ARG A 229 -10.61 -8.10 -6.33
C ARG A 229 -11.79 -8.91 -5.79
N ILE A 230 -12.83 -8.23 -5.31
CA ILE A 230 -13.97 -8.97 -4.76
C ILE A 230 -15.34 -8.74 -5.37
N GLU A 231 -15.54 -7.64 -6.07
CA GLU A 231 -16.84 -7.39 -6.65
C GLU A 231 -16.78 -6.36 -7.75
N THR A 232 -17.78 -6.36 -8.62
CA THR A 232 -17.83 -5.41 -9.73
C THR A 232 -18.93 -4.39 -9.48
N LEU A 233 -18.54 -3.13 -9.30
CA LEU A 233 -19.47 -2.04 -9.03
C LEU A 233 -20.37 -1.71 -10.23
N LYS A 234 -21.68 -1.79 -10.02
CA LYS A 234 -22.64 -1.54 -11.10
C LYS A 234 -23.76 -0.52 -10.82
N ASP A 235 -24.14 -0.34 -9.56
CA ASP A 235 -25.22 0.58 -9.22
C ASP A 235 -26.59 0.04 -9.66
N GLY A 236 -26.72 -0.22 -10.96
CA GLY A 236 -27.93 -0.77 -11.53
C GLY A 236 -27.44 -2.06 -12.15
N THR A 237 -26.98 -1.98 -13.39
CA THR A 237 -26.45 -3.15 -14.11
C THR A 237 -25.47 -2.79 -15.24
N ASP A 238 -24.60 -1.82 -14.98
CA ASP A 238 -23.60 -1.38 -15.97
C ASP A 238 -22.19 -1.14 -15.38
N ALA A 239 -21.18 -1.40 -16.22
CA ALA A 239 -19.75 -1.27 -15.86
C ALA A 239 -19.29 0.14 -15.44
N VAL A 240 -18.89 0.26 -14.16
CA VAL A 240 -18.43 1.54 -13.59
C VAL A 240 -17.03 1.37 -12.99
N GLY A 241 -16.95 0.54 -11.94
CA GLY A 241 -15.69 0.28 -11.26
C GLY A 241 -15.67 -1.06 -10.53
N ASN A 242 -14.65 -1.27 -9.69
CA ASN A 242 -14.52 -2.53 -8.96
C ASN A 242 -14.10 -2.30 -7.52
N ARG A 243 -14.58 -3.14 -6.61
CA ARG A 243 -14.26 -3.02 -5.19
C ARG A 243 -13.09 -3.90 -4.80
N THR A 244 -12.01 -3.29 -4.35
CA THR A 244 -10.84 -4.05 -3.96
C THR A 244 -10.90 -4.36 -2.49
N ARG A 245 -10.16 -5.38 -2.08
CA ARG A 245 -10.07 -5.82 -0.69
C ARG A 245 -8.59 -6.06 -0.39
N VAL A 246 -8.04 -5.31 0.54
CA VAL A 246 -6.62 -5.45 0.90
C VAL A 246 -6.47 -6.04 2.29
N LYS A 247 -5.54 -6.97 2.47
CA LYS A 247 -5.32 -7.59 3.78
C LYS A 247 -3.87 -7.33 4.20
N VAL A 248 -3.67 -6.68 5.34
CA VAL A 248 -2.33 -6.38 5.80
C VAL A 248 -1.78 -7.66 6.45
N VAL A 249 -1.35 -8.62 5.65
CA VAL A 249 -0.85 -9.88 6.18
C VAL A 249 0.39 -9.73 7.04
N LYS A 250 1.20 -8.70 6.79
CA LYS A 250 2.38 -8.49 7.60
C LYS A 250 2.55 -7.04 7.97
N ASN A 251 2.82 -6.77 9.23
CA ASN A 251 3.00 -5.41 9.69
C ASN A 251 3.95 -5.37 10.88
N LYS A 252 5.18 -4.93 10.63
CA LYS A 252 6.18 -4.86 11.67
C LYS A 252 6.16 -3.54 12.43
N VAL A 253 5.17 -2.70 12.17
CA VAL A 253 5.08 -1.43 12.88
C VAL A 253 3.71 -1.25 13.53
N SER A 254 2.94 -2.32 13.57
CA SER A 254 1.61 -2.25 14.16
C SER A 254 0.96 -3.62 14.05
N PRO A 255 -0.03 -3.91 14.89
CA PRO A 255 -0.74 -5.18 14.86
C PRO A 255 -1.15 -5.47 13.42
N PRO A 256 -0.75 -6.63 12.89
CA PRO A 256 -1.05 -7.04 11.52
C PRO A 256 -2.36 -7.78 11.37
N PHE A 257 -2.64 -8.19 10.14
CA PHE A 257 -3.83 -8.95 9.81
C PHE A 257 -5.13 -8.17 9.63
N LYS A 258 -5.08 -6.85 9.79
CA LYS A 258 -6.29 -6.03 9.63
C LYS A 258 -6.75 -6.04 8.17
N GLN A 259 -8.01 -5.70 7.92
CA GLN A 259 -8.52 -5.66 6.55
C GLN A 259 -9.26 -4.38 6.19
N ALA A 260 -9.02 -3.90 4.98
CA ALA A 260 -9.65 -2.68 4.50
C ALA A 260 -10.22 -2.91 3.11
N GLU A 261 -11.30 -2.19 2.79
CA GLU A 261 -11.94 -2.31 1.48
C GLU A 261 -12.20 -0.94 0.88
N PHE A 262 -12.26 -0.88 -0.44
CA PHE A 262 -12.54 0.38 -1.11
C PHE A 262 -12.93 0.15 -2.56
N ASP A 263 -13.46 1.20 -3.19
CA ASP A 263 -13.90 1.13 -4.56
C ASP A 263 -12.98 1.90 -5.47
N ILE A 264 -12.70 1.35 -6.65
CA ILE A 264 -11.88 2.06 -7.64
C ILE A 264 -12.74 2.13 -8.89
N LEU A 265 -13.19 3.33 -9.25
CA LEU A 265 -14.02 3.50 -10.42
C LEU A 265 -13.15 3.60 -11.66
N TYR A 266 -13.55 2.91 -12.72
CA TYR A 266 -12.80 2.92 -13.97
C TYR A 266 -12.45 4.34 -14.41
N GLY A 267 -11.16 4.57 -14.66
CA GLY A 267 -10.70 5.87 -15.10
C GLY A 267 -10.40 6.81 -13.95
N GLN A 268 -10.83 6.44 -12.76
CA GLN A 268 -10.59 7.27 -11.59
C GLN A 268 -9.80 6.42 -10.61
N GLY A 269 -9.36 7.01 -9.52
CA GLY A 269 -8.61 6.22 -8.58
C GLY A 269 -9.52 5.73 -7.48
N ILE A 270 -8.96 5.57 -6.30
CA ILE A 270 -9.71 5.11 -5.15
C ILE A 270 -10.77 6.17 -4.84
N SER A 271 -12.03 5.79 -4.86
CA SER A 271 -13.10 6.74 -4.59
C SER A 271 -13.18 7.25 -3.16
N ARG A 272 -12.91 8.54 -2.98
CA ARG A 272 -12.98 9.15 -1.66
C ARG A 272 -14.43 9.00 -1.17
N GLU A 273 -15.36 9.69 -1.81
CA GLU A 273 -16.77 9.62 -1.41
C GLU A 273 -17.16 8.19 -1.07
N GLY A 274 -16.83 7.26 -1.96
CA GLY A 274 -17.15 5.87 -1.72
C GLY A 274 -16.74 5.48 -0.32
N SER A 275 -15.46 5.60 -0.03
CA SER A 275 -14.93 5.29 1.29
C SER A 275 -15.76 5.98 2.36
N LEU A 276 -15.87 7.31 2.29
CA LEU A 276 -16.64 8.10 3.26
C LEU A 276 -17.93 7.40 3.64
N ILE A 277 -18.65 6.90 2.64
CA ILE A 277 -19.89 6.22 2.91
C ILE A 277 -19.56 5.00 3.76
N ASP A 278 -18.75 4.09 3.25
CA ASP A 278 -18.36 2.89 3.99
C ASP A 278 -17.92 3.23 5.40
N MET A 279 -16.81 3.94 5.51
CA MET A 279 -16.28 4.37 6.80
C MET A 279 -17.39 4.97 7.67
N GLY A 280 -18.30 5.71 7.04
CA GLY A 280 -19.38 6.33 7.77
C GLY A 280 -20.27 5.31 8.44
N VAL A 281 -20.95 4.49 7.64
CA VAL A 281 -21.84 3.46 8.16
C VAL A 281 -21.27 2.66 9.33
N GLU A 282 -20.15 1.98 9.10
CA GLU A 282 -19.57 1.17 10.16
C GLU A 282 -19.22 1.99 11.39
N HIS A 283 -19.57 3.27 11.38
CA HIS A 283 -19.29 4.12 12.52
C HIS A 283 -20.47 4.99 12.88
N GLY A 284 -21.65 4.50 12.55
CA GLY A 284 -22.89 5.20 12.85
C GLY A 284 -22.92 6.70 12.74
N PHE A 285 -22.32 7.27 11.69
CA PHE A 285 -22.36 8.70 11.50
C PHE A 285 -23.42 8.89 10.45
N ILE A 286 -23.44 7.93 9.54
CA ILE A 286 -24.42 7.90 8.47
C ILE A 286 -25.22 6.62 8.74
N ARG A 287 -26.54 6.79 8.77
CA ARG A 287 -27.48 5.70 9.05
C ARG A 287 -27.98 5.18 7.71
N LYS A 288 -28.08 3.86 7.57
CA LYS A 288 -28.54 3.24 6.32
C LYS A 288 -29.84 2.48 6.51
N SER A 289 -30.97 3.17 6.37
CA SER A 289 -32.26 2.54 6.53
C SER A 289 -31.74 1.49 5.55
N GLY A 290 -32.43 0.36 5.49
CA GLY A 290 -32.08 -0.75 4.61
C GLY A 290 -32.40 -0.32 3.18
N SER A 291 -31.36 0.05 2.42
CA SER A 291 -31.47 0.49 1.02
C SER A 291 -31.73 1.97 0.75
N TRP A 292 -31.72 2.77 1.81
CA TRP A 292 -31.63 4.23 1.73
C TRP A 292 -30.62 4.81 2.71
N PHE A 293 -29.71 5.61 2.17
CA PHE A 293 -28.66 6.25 2.97
C PHE A 293 -29.13 7.62 3.43
N THR A 294 -28.76 7.98 4.64
CA THR A 294 -29.13 9.28 5.22
C THR A 294 -28.01 9.78 6.15
N TYR A 295 -27.97 11.08 6.38
CA TYR A 295 -26.96 11.65 7.25
C TYR A 295 -27.51 12.80 8.07
N GLU A 296 -27.42 12.68 9.39
CA GLU A 296 -27.90 13.72 10.28
C GLU A 296 -29.24 14.24 9.78
N GLY A 297 -30.11 13.32 9.36
CA GLY A 297 -31.42 13.71 8.90
C GLY A 297 -31.59 13.88 7.41
N GLU A 298 -30.54 14.34 6.74
CA GLU A 298 -30.56 14.56 5.29
C GLU A 298 -30.54 13.25 4.51
N GLN A 299 -31.43 13.09 3.53
CA GLN A 299 -31.46 11.87 2.74
C GLN A 299 -30.47 11.93 1.58
N LEU A 300 -29.56 10.96 1.55
CA LEU A 300 -28.51 10.88 0.54
C LEU A 300 -28.92 10.23 -0.77
N GLY A 301 -29.86 9.30 -0.69
CA GLY A 301 -30.33 8.63 -1.88
C GLY A 301 -30.29 7.12 -1.73
N GLN A 302 -31.07 6.42 -2.53
CA GLN A 302 -31.08 4.98 -2.47
C GLN A 302 -29.95 4.49 -3.35
N GLY A 303 -29.31 3.39 -2.95
CA GLY A 303 -28.20 2.86 -3.74
C GLY A 303 -26.91 3.59 -3.43
N LYS A 304 -25.91 2.83 -2.98
CA LYS A 304 -24.62 3.40 -2.64
C LYS A 304 -24.12 4.41 -3.69
N GLU A 305 -24.52 4.21 -4.95
CA GLU A 305 -24.08 5.11 -6.01
C GLU A 305 -24.70 6.51 -5.97
N ASN A 306 -26.00 6.58 -5.70
CA ASN A 306 -26.69 7.87 -5.62
C ASN A 306 -26.10 8.67 -4.47
N ALA A 307 -25.72 7.97 -3.41
CA ALA A 307 -25.12 8.62 -2.25
C ALA A 307 -23.72 9.07 -2.66
N ARG A 308 -22.98 8.18 -3.32
CA ARG A 308 -21.64 8.50 -3.81
C ARG A 308 -21.78 9.82 -4.58
N LYS A 309 -22.68 9.82 -5.55
CA LYS A 309 -22.92 11.00 -6.36
C LYS A 309 -23.32 12.16 -5.47
N PHE A 310 -24.22 11.90 -4.53
CA PHE A 310 -24.67 12.93 -3.63
C PHE A 310 -23.50 13.63 -2.96
N LEU A 311 -22.61 12.84 -2.36
CA LEU A 311 -21.46 13.40 -1.67
C LEU A 311 -20.47 14.07 -2.61
N LEU A 312 -20.47 13.70 -3.87
CA LEU A 312 -19.54 14.33 -4.80
C LEU A 312 -20.02 15.76 -5.14
N GLU A 313 -21.33 15.90 -5.30
CA GLU A 313 -21.92 17.19 -5.64
C GLU A 313 -22.09 18.11 -4.42
N ASN A 314 -22.37 17.53 -3.25
CA ASN A 314 -22.51 18.32 -2.02
C ASN A 314 -21.21 18.30 -1.22
N THR A 315 -20.15 18.83 -1.83
CA THR A 315 -18.84 18.88 -1.21
C THR A 315 -18.83 19.33 0.24
N ASP A 316 -19.82 20.12 0.65
CA ASP A 316 -19.87 20.59 2.03
C ASP A 316 -20.11 19.44 2.99
N VAL A 317 -21.09 18.61 2.68
CA VAL A 317 -21.33 17.42 3.49
C VAL A 317 -20.14 16.61 3.02
N ALA A 318 -19.94 15.41 3.56
CA ALA A 318 -18.80 14.61 3.13
C ALA A 318 -17.57 15.22 3.80
N ASN A 319 -17.38 16.52 3.59
CA ASN A 319 -16.24 17.19 4.17
C ASN A 319 -16.42 17.24 5.68
N GLU A 320 -17.67 17.37 6.15
CA GLU A 320 -17.93 17.38 7.59
C GLU A 320 -18.00 15.94 8.10
N ILE A 321 -18.29 14.98 7.20
CA ILE A 321 -18.34 13.56 7.55
C ILE A 321 -16.90 13.10 7.68
N GLU A 322 -16.08 13.50 6.71
CA GLU A 322 -14.67 13.14 6.76
C GLU A 322 -14.18 13.61 8.11
N LYS A 323 -14.53 14.85 8.45
CA LYS A 323 -14.13 15.47 9.70
C LYS A 323 -14.47 14.55 10.87
N LYS A 324 -15.73 14.17 10.96
CA LYS A 324 -16.19 13.30 12.05
C LYS A 324 -15.47 11.95 12.09
N ILE A 325 -15.32 11.30 10.95
CA ILE A 325 -14.64 10.01 10.93
C ILE A 325 -13.18 10.19 11.28
N LYS A 326 -12.60 11.30 10.83
CA LYS A 326 -11.19 11.59 11.15
C LYS A 326 -11.12 11.86 12.65
N GLU A 327 -11.92 12.80 13.12
CA GLU A 327 -11.92 13.12 14.53
C GLU A 327 -11.93 11.85 15.38
N LYS A 328 -12.82 10.91 15.04
CA LYS A 328 -12.94 9.68 15.83
C LYS A 328 -11.70 8.80 15.83
N LEU A 329 -11.05 8.68 14.68
CA LEU A 329 -9.87 7.82 14.57
C LEU A 329 -8.49 8.53 14.58
N GLY A 330 -8.09 9.11 13.45
CA GLY A 330 -6.79 9.78 13.43
C GLY A 330 -6.47 10.85 12.40
N ILE A 331 -5.17 10.91 12.08
CA ILE A 331 -4.57 11.87 11.14
C ILE A 331 -4.41 13.16 11.95
N GLY A 332 -4.44 12.98 13.27
CA GLY A 332 -4.39 14.07 14.25
C GLY A 332 -3.08 14.26 15.03
N ALA A 333 -3.22 14.89 16.20
CA ALA A 333 -2.13 15.25 17.11
C ALA A 333 -0.85 14.85 17.85
N VAL A 334 -1.00 13.85 18.73
CA VAL A 334 -0.02 12.93 19.34
C VAL A 334 1.05 13.68 20.17
PB ADP B . -3.00 -4.18 -10.85
O1B ADP B . -2.20 -5.16 -11.84
O2B ADP B . -3.66 -4.90 -9.74
O3B ADP B . -1.91 -3.12 -10.34
PA ADP B . -4.39 -1.82 -11.42
O1A ADP B . -3.56 -0.93 -12.24
O2A ADP B . -4.33 -1.68 -9.95
O3A ADP B . -4.04 -3.35 -11.78
O5' ADP B . -5.92 -1.68 -11.91
C5' ADP B . -7.00 -1.56 -10.96
C4' ADP B . -8.07 -0.61 -11.51
O4' ADP B . -7.56 0.72 -11.72
C3' ADP B . -8.57 -1.06 -12.90
O3' ADP B . -9.55 -2.08 -12.73
C2' ADP B . -9.24 0.25 -13.35
O2' ADP B . -10.46 0.45 -12.64
C1' ADP B . -8.20 1.28 -12.89
N9 ADP B . -7.14 1.47 -13.90
C8 ADP B . -5.87 1.07 -13.77
N7 ADP B . -5.16 1.48 -14.83
C5 ADP B . -5.98 2.17 -15.62
C6 ADP B . -5.82 2.84 -16.83
N6 ADP B . -4.63 2.89 -17.41
N1 ADP B . -6.89 3.45 -17.38
C2 ADP B . -8.07 3.42 -16.79
N3 ADP B . -8.26 2.78 -15.63
C4 ADP B . -7.24 2.16 -15.03
#